data_5TZI
#
_entry.id   5TZI
#
_cell.length_a   98.657
_cell.length_b   58.656
_cell.length_c   86.676
_cell.angle_alpha   90.000
_cell.angle_beta   97.010
_cell.angle_gamma   90.000
#
_symmetry.space_group_name_H-M   'C 1 2 1'
#
loop_
_entity.id
_entity.type
_entity.pdbx_description
1 polymer 'Glycosyl transferase'
2 water water
#
_entity_poly.entity_id   1
_entity_poly.type   'polypeptide(L)'
_entity_poly.pdbx_seq_one_letter_code
;MKFSVIVPTYNSEKYITELLNSLAKQDFPKTEFEVVVVDDCSTDQTLQIVEKYRNKLNLKVSQLETNSGGPGKPRNVALK
QAEGEFVLFVDSDDYINKETLKDAAAFIDEHHSDVLLIKMKGVNGRGVPQSMFKETAPEVTLLNSRIIYTLSPTKIYRTA
LLKDNDIYFPEELKSAEDQLFTMKAYLNANRISVLSDKAYYYATKREGEHMSSAYVSPEDFYEVMRLIAVEILNADLEEA
HKDQILAEFLNRHFSFSRTNGFSLKVKLEEQPQWINALGDFIQAVPERVDALVMSKLRPLLHYARAKDIDNYRTVEESYR
QGQYYRFDIVDGKLNIQFNEGEPYFEGIDKLVPRGSAAAALEHHHHHH
;
_entity_poly.pdbx_strand_id   C
#
# COMPACT_ATOMS: atom_id res chain seq x y z
N MET A 1 13.13 14.11 -19.22
CA MET A 1 11.71 13.85 -19.36
C MET A 1 10.94 14.08 -18.07
N LYS A 2 9.64 14.34 -18.20
CA LYS A 2 8.82 14.59 -17.02
C LYS A 2 8.43 13.30 -16.33
N PHE A 3 7.87 12.34 -17.07
CA PHE A 3 7.30 11.15 -16.49
C PHE A 3 7.91 9.88 -17.07
N SER A 4 7.79 8.81 -16.30
CA SER A 4 8.06 7.45 -16.76
C SER A 4 6.88 6.59 -16.30
N VAL A 5 6.01 6.22 -17.23
CA VAL A 5 4.96 5.25 -16.92
C VAL A 5 5.58 3.87 -16.90
N ILE A 6 5.38 3.14 -15.81
CA ILE A 6 6.01 1.84 -15.61
C ILE A 6 4.94 0.77 -15.67
N VAL A 7 5.14 -0.20 -16.54
CA VAL A 7 4.18 -1.27 -16.80
C VAL A 7 4.88 -2.60 -16.59
N PRO A 8 4.64 -3.28 -15.47
CA PRO A 8 5.00 -4.70 -15.38
C PRO A 8 3.93 -5.54 -16.06
N THR A 9 4.39 -6.54 -16.83
CA THR A 9 3.48 -7.39 -17.59
C THR A 9 3.83 -8.86 -17.40
N TYR A 10 2.79 -9.68 -17.32
CA TYR A 10 2.93 -11.12 -17.44
C TYR A 10 1.62 -11.68 -17.97
N ASN A 11 1.64 -12.19 -19.20
CA ASN A 11 0.44 -12.65 -19.90
C ASN A 11 -0.63 -11.58 -19.91
N SER A 12 -0.21 -10.36 -20.26
CA SER A 12 -1.11 -9.21 -20.29
C SER A 12 -1.74 -8.98 -21.66
N GLU A 13 -1.79 -10.03 -22.48
CA GLU A 13 -2.23 -9.88 -23.87
C GLU A 13 -3.65 -9.34 -23.96
N LYS A 14 -4.52 -9.74 -23.03
CA LYS A 14 -5.95 -9.54 -23.22
C LYS A 14 -6.37 -8.08 -23.07
N TYR A 15 -5.62 -7.26 -22.30
CA TYR A 15 -6.04 -5.87 -22.07
C TYR A 15 -4.90 -4.86 -22.11
N ILE A 16 -3.70 -5.25 -22.56
CA ILE A 16 -2.56 -4.33 -22.56
C ILE A 16 -2.83 -3.12 -23.47
N THR A 17 -3.57 -3.31 -24.56
CA THR A 17 -3.79 -2.23 -25.51
C THR A 17 -4.62 -1.10 -24.91
N GLU A 18 -5.66 -1.44 -24.15
CA GLU A 18 -6.47 -0.39 -23.52
C GLU A 18 -5.61 0.47 -22.61
N LEU A 19 -4.61 -0.12 -21.96
CA LEU A 19 -3.61 0.68 -21.26
C LEU A 19 -2.79 1.51 -22.25
N LEU A 20 -2.17 0.84 -23.22
CA LEU A 20 -1.31 1.56 -24.16
C LEU A 20 -2.09 2.61 -24.96
N ASN A 21 -3.40 2.39 -25.14
CA ASN A 21 -4.23 3.41 -25.77
C ASN A 21 -4.30 4.66 -24.91
N SER A 22 -4.63 4.50 -23.63
CA SER A 22 -4.74 5.65 -22.72
C SER A 22 -3.44 6.46 -22.67
N LEU A 23 -2.29 5.79 -22.81
CA LEU A 23 -1.03 6.51 -22.86
C LEU A 23 -0.83 7.25 -24.16
N ALA A 24 -1.51 6.82 -25.24
CA ALA A 24 -1.40 7.51 -26.52
C ALA A 24 -2.36 8.69 -26.62
N LYS A 25 -3.55 8.60 -26.00
CA LYS A 25 -4.51 9.70 -26.00
C LYS A 25 -4.20 10.75 -24.94
N GLN A 26 -2.97 10.81 -24.44
CA GLN A 26 -2.62 11.75 -23.39
C GLN A 26 -2.50 13.15 -23.98
N ASP A 27 -3.28 14.09 -23.45
CA ASP A 27 -3.16 15.50 -23.79
C ASP A 27 -1.84 16.05 -23.30
N PHE A 28 -0.74 15.40 -23.71
CA PHE A 28 0.58 15.62 -23.16
C PHE A 28 1.57 15.16 -24.22
N PRO A 29 2.70 15.85 -24.41
CA PRO A 29 3.62 15.45 -25.48
C PRO A 29 4.29 14.12 -25.18
N LYS A 30 4.28 13.22 -26.17
CA LYS A 30 5.05 11.99 -26.07
C LYS A 30 6.55 12.26 -25.96
N THR A 31 6.97 13.50 -26.21
CA THR A 31 8.36 13.91 -26.06
C THR A 31 8.79 13.89 -24.60
N GLU A 32 7.89 14.21 -23.67
CA GLU A 32 8.26 14.43 -22.29
C GLU A 32 7.98 13.25 -21.36
N PHE A 33 7.46 12.14 -21.87
CA PHE A 33 7.31 10.95 -21.04
C PHE A 33 7.67 9.71 -21.83
N GLU A 34 8.05 8.66 -21.10
CA GLU A 34 8.39 7.37 -21.66
C GLU A 34 7.53 6.30 -20.98
N VAL A 35 7.30 5.21 -21.69
CA VAL A 35 6.61 4.04 -21.14
C VAL A 35 7.64 2.94 -21.00
N VAL A 36 7.88 2.50 -19.77
CA VAL A 36 8.92 1.52 -19.46
C VAL A 36 8.23 0.21 -19.15
N VAL A 37 8.22 -0.70 -20.13
CA VAL A 37 7.60 -2.01 -19.99
C VAL A 37 8.69 -3.03 -19.69
N VAL A 38 8.52 -3.78 -18.60
CA VAL A 38 9.42 -4.87 -18.25
C VAL A 38 8.57 -6.12 -18.10
N ASP A 39 8.77 -7.09 -18.98
CA ASP A 39 7.89 -8.25 -19.04
C ASP A 39 8.45 -9.40 -18.22
N ASP A 40 7.62 -9.93 -17.33
CA ASP A 40 8.00 -11.03 -16.45
C ASP A 40 7.88 -12.37 -17.18
N CYS A 41 8.45 -12.44 -18.38
CA CYS A 41 8.55 -13.69 -19.14
C CYS A 41 7.18 -14.21 -19.57
N SER A 42 6.44 -13.40 -20.32
CA SER A 42 5.11 -13.79 -20.77
C SER A 42 5.18 -14.85 -21.86
N THR A 43 4.19 -15.75 -21.86
CA THR A 43 4.11 -16.79 -22.88
C THR A 43 3.45 -16.28 -24.15
N ASP A 44 2.37 -15.50 -24.01
CA ASP A 44 1.67 -14.94 -25.15
C ASP A 44 2.48 -13.80 -25.77
N GLN A 45 1.87 -13.04 -26.69
CA GLN A 45 2.56 -11.95 -27.38
C GLN A 45 2.16 -10.58 -26.87
N THR A 46 2.16 -10.39 -25.54
CA THR A 46 2.07 -9.06 -24.98
C THR A 46 3.13 -8.15 -25.57
N LEU A 47 4.39 -8.60 -25.56
CA LEU A 47 5.48 -7.79 -26.03
C LEU A 47 5.36 -7.45 -27.51
N GLN A 48 4.62 -8.24 -28.28
CA GLN A 48 4.41 -7.89 -29.68
C GLN A 48 3.34 -6.81 -29.82
N ILE A 49 2.27 -6.92 -29.04
CA ILE A 49 1.26 -5.86 -28.98
C ILE A 49 1.91 -4.55 -28.52
N VAL A 50 2.82 -4.64 -27.56
CA VAL A 50 3.52 -3.46 -27.06
C VAL A 50 4.39 -2.83 -28.13
N GLU A 51 4.91 -3.65 -29.07
CA GLU A 51 5.80 -3.14 -30.10
C GLU A 51 5.06 -2.30 -31.14
N LYS A 52 3.75 -2.45 -31.27
CA LYS A 52 2.98 -1.64 -32.19
C LYS A 52 3.04 -0.15 -31.86
N TYR A 53 3.43 0.20 -30.64
CA TYR A 53 3.40 1.57 -30.15
C TYR A 53 4.76 2.24 -30.14
N ARG A 54 5.82 1.58 -30.63
CA ARG A 54 7.16 2.13 -30.56
C ARG A 54 7.35 3.34 -31.48
N ASN A 55 6.45 3.58 -32.43
CA ASN A 55 6.54 4.75 -33.28
C ASN A 55 5.57 5.85 -32.89
N LYS A 56 4.71 5.62 -31.90
CA LYS A 56 3.87 6.68 -31.36
C LYS A 56 4.20 7.03 -29.91
N LEU A 57 4.78 6.10 -29.16
CA LEU A 57 5.13 6.29 -27.76
C LEU A 57 6.63 6.18 -27.59
N ASN A 58 7.21 7.08 -26.80
CA ASN A 58 8.56 6.88 -26.31
C ASN A 58 8.56 5.65 -25.42
N LEU A 59 9.29 4.62 -25.86
CA LEU A 59 9.01 3.27 -25.38
C LEU A 59 10.31 2.56 -25.04
N LYS A 60 10.32 1.92 -23.87
CA LYS A 60 11.40 1.04 -23.44
C LYS A 60 10.79 -0.31 -23.09
N VAL A 61 11.43 -1.38 -23.56
CA VAL A 61 10.94 -2.74 -23.32
C VAL A 61 12.11 -3.64 -22.95
N SER A 62 11.98 -4.33 -21.82
CA SER A 62 12.84 -5.42 -21.39
C SER A 62 11.99 -6.66 -21.17
N GLN A 63 12.65 -7.81 -21.03
CA GLN A 63 11.99 -9.03 -20.60
C GLN A 63 12.94 -9.78 -19.67
N LEU A 64 12.41 -10.22 -18.53
CA LEU A 64 13.20 -11.00 -17.59
C LEU A 64 13.40 -12.41 -18.13
N GLU A 65 14.58 -12.98 -17.86
CA GLU A 65 14.89 -14.29 -18.42
C GLU A 65 14.06 -15.41 -17.80
N THR A 66 13.34 -15.14 -16.71
CA THR A 66 12.45 -16.13 -16.12
C THR A 66 11.41 -15.41 -15.27
N ASN A 67 10.30 -16.07 -15.03
CA ASN A 67 9.24 -15.47 -14.22
C ASN A 67 9.73 -15.30 -12.78
N SER A 68 9.55 -14.10 -12.25
CA SER A 68 9.87 -13.81 -10.86
C SER A 68 8.67 -14.04 -9.94
N GLY A 69 7.49 -14.31 -10.48
CA GLY A 69 6.32 -14.58 -9.67
C GLY A 69 5.63 -13.39 -9.07
N GLY A 70 5.96 -12.18 -9.51
CA GLY A 70 5.35 -10.99 -8.96
C GLY A 70 5.76 -9.73 -9.68
N PRO A 71 5.09 -8.61 -9.38
CA PRO A 71 5.43 -7.34 -10.04
C PRO A 71 6.63 -6.62 -9.44
N GLY A 72 7.15 -7.07 -8.31
CA GLY A 72 8.25 -6.39 -7.64
C GLY A 72 9.52 -6.27 -8.48
N LYS A 73 10.03 -7.38 -8.96
CA LYS A 73 11.24 -7.35 -9.79
C LYS A 73 11.01 -6.65 -11.12
N PRO A 74 9.94 -6.92 -11.87
CA PRO A 74 9.67 -6.11 -13.05
C PRO A 74 9.67 -4.61 -12.78
N ARG A 75 8.96 -4.16 -11.74
CA ARG A 75 8.90 -2.73 -11.45
C ARG A 75 10.28 -2.18 -11.12
N ASN A 76 11.07 -2.92 -10.34
CA ASN A 76 12.39 -2.44 -9.94
C ASN A 76 13.34 -2.30 -11.14
N VAL A 77 13.31 -3.27 -12.05
CA VAL A 77 14.10 -3.16 -13.28
C VAL A 77 13.66 -1.95 -14.08
N ALA A 78 12.35 -1.72 -14.19
CA ALA A 78 11.85 -0.55 -14.89
C ALA A 78 12.24 0.74 -14.18
N LEU A 79 12.23 0.72 -12.85
CA LEU A 79 12.58 1.92 -12.10
C LEU A 79 14.04 2.32 -12.33
N LYS A 80 14.93 1.35 -12.41
CA LYS A 80 16.35 1.67 -12.63
C LYS A 80 16.60 2.19 -14.04
N GLN A 81 15.80 1.74 -15.02
CA GLN A 81 15.94 2.23 -16.39
C GLN A 81 15.42 3.66 -16.52
N ALA A 82 14.41 4.03 -15.75
CA ALA A 82 13.67 5.26 -15.98
C ALA A 82 14.57 6.49 -15.92
N GLU A 83 14.36 7.40 -16.86
CA GLU A 83 15.05 8.69 -16.90
C GLU A 83 14.15 9.86 -16.55
N GLY A 84 12.84 9.66 -16.50
CA GLY A 84 11.93 10.75 -16.21
C GLY A 84 12.12 11.32 -14.83
N GLU A 85 11.66 12.55 -14.67
CA GLU A 85 11.74 13.21 -13.37
C GLU A 85 10.77 12.59 -12.36
N PHE A 86 9.62 12.13 -12.85
CA PHE A 86 8.62 11.48 -12.02
C PHE A 86 8.28 10.12 -12.62
N VAL A 87 7.72 9.26 -11.78
CA VAL A 87 7.43 7.87 -12.15
C VAL A 87 5.99 7.55 -11.78
N LEU A 88 5.36 6.70 -12.58
CA LEU A 88 4.01 6.22 -12.33
C LEU A 88 3.92 4.73 -12.66
N PHE A 89 3.56 3.92 -11.66
CA PHE A 89 3.40 2.49 -11.85
C PHE A 89 1.94 2.20 -12.19
N VAL A 90 1.70 1.50 -13.29
CA VAL A 90 0.35 1.19 -13.76
C VAL A 90 0.23 -0.32 -13.95
N ASP A 91 -0.94 -0.85 -13.65
CA ASP A 91 -1.22 -2.25 -13.90
C ASP A 91 -1.67 -2.43 -15.34
N SER A 92 -1.16 -3.47 -16.00
CA SER A 92 -1.51 -3.69 -17.40
C SER A 92 -2.99 -3.95 -17.59
N ASP A 93 -3.70 -4.36 -16.55
CA ASP A 93 -5.15 -4.56 -16.60
C ASP A 93 -5.93 -3.26 -16.36
N ASP A 94 -5.25 -2.11 -16.36
CA ASP A 94 -5.88 -0.83 -16.04
C ASP A 94 -5.60 0.17 -17.17
N TYR A 95 -6.07 1.39 -16.96
CA TYR A 95 -5.85 2.49 -17.90
C TYR A 95 -6.07 3.80 -17.14
N ILE A 96 -5.60 4.90 -17.74
CA ILE A 96 -5.61 6.19 -17.08
C ILE A 96 -6.33 7.23 -17.93
N ASN A 97 -6.78 8.29 -17.26
CA ASN A 97 -7.48 9.38 -17.90
C ASN A 97 -6.57 10.14 -18.87
N LYS A 98 -7.18 10.73 -19.89
CA LYS A 98 -6.41 11.43 -20.93
C LYS A 98 -5.70 12.66 -20.35
N GLU A 99 -6.33 13.34 -19.38
CA GLU A 99 -5.78 14.54 -18.77
C GLU A 99 -4.77 14.25 -17.68
N THR A 100 -4.43 12.98 -17.44
CA THR A 100 -3.71 12.62 -16.22
C THR A 100 -2.35 13.30 -16.14
N LEU A 101 -1.49 13.05 -17.12
CA LEU A 101 -0.18 13.68 -17.08
C LEU A 101 -0.26 15.17 -17.40
N LYS A 102 -1.27 15.58 -18.18
CA LYS A 102 -1.59 17.00 -18.30
C LYS A 102 -1.81 17.64 -16.94
N ASP A 103 -2.72 17.07 -16.15
CA ASP A 103 -3.07 17.71 -14.88
C ASP A 103 -2.00 17.50 -13.82
N ALA A 104 -1.28 16.38 -13.86
CA ALA A 104 -0.23 16.12 -12.88
C ALA A 104 0.96 17.05 -13.09
N ALA A 105 1.42 17.19 -14.34
CA ALA A 105 2.54 18.08 -14.61
C ALA A 105 2.21 19.52 -14.22
N ALA A 106 0.98 19.95 -14.49
CA ALA A 106 0.54 21.27 -14.05
C ALA A 106 0.57 21.38 -12.53
N PHE A 107 0.04 20.36 -11.84
CA PHE A 107 0.03 20.38 -10.37
C PHE A 107 1.44 20.31 -9.80
N ILE A 108 2.31 19.50 -10.42
CA ILE A 108 3.64 19.25 -9.86
C ILE A 108 4.47 20.52 -9.84
N ASP A 109 4.34 21.34 -10.88
CA ASP A 109 5.17 22.55 -10.96
C ASP A 109 4.65 23.67 -10.08
N GLU A 110 3.34 23.73 -9.83
CA GLU A 110 2.81 24.63 -8.82
C GLU A 110 3.39 24.28 -7.46
N HIS A 111 3.11 23.07 -6.99
CA HIS A 111 3.56 22.59 -5.70
C HIS A 111 4.52 21.44 -5.97
N HIS A 112 5.82 21.70 -5.84
CA HIS A 112 6.84 20.71 -6.16
C HIS A 112 6.70 19.47 -5.29
N SER A 113 5.70 18.65 -5.59
CA SER A 113 5.40 17.48 -4.79
C SER A 113 6.46 16.40 -4.97
N ASP A 114 6.72 15.65 -3.90
CA ASP A 114 7.52 14.46 -4.02
C ASP A 114 6.67 13.24 -4.31
N VAL A 115 5.49 13.16 -3.72
CA VAL A 115 4.52 12.10 -3.96
C VAL A 115 3.18 12.76 -4.27
N LEU A 116 2.58 12.40 -5.39
CA LEU A 116 1.26 12.91 -5.78
C LEU A 116 0.32 11.74 -5.96
N LEU A 117 -0.66 11.63 -5.08
CA LEU A 117 -1.76 10.69 -5.26
C LEU A 117 -2.74 11.26 -6.27
N ILE A 118 -3.17 10.43 -7.20
CA ILE A 118 -4.16 10.81 -8.21
C ILE A 118 -5.42 9.99 -7.98
N LYS A 119 -6.58 10.65 -7.98
CA LYS A 119 -7.82 10.02 -7.57
C LYS A 119 -8.11 8.80 -8.41
N MET A 120 -8.61 7.75 -7.77
CA MET A 120 -8.89 6.50 -8.45
C MET A 120 -10.39 6.29 -8.62
N LYS A 121 -10.74 5.40 -9.54
CA LYS A 121 -12.13 5.09 -9.89
C LYS A 121 -12.20 3.62 -10.26
N GLY A 122 -13.10 2.87 -9.60
CA GLY A 122 -13.27 1.46 -9.93
C GLY A 122 -14.17 1.30 -11.15
N VAL A 123 -13.82 0.33 -12.00
CA VAL A 123 -14.60 -0.05 -13.17
C VAL A 123 -15.06 -1.48 -12.98
N ASN A 124 -16.18 -1.82 -13.62
CA ASN A 124 -16.78 -3.16 -13.58
C ASN A 124 -17.21 -3.57 -12.16
N GLY A 125 -17.11 -2.66 -11.19
CA GLY A 125 -17.50 -3.00 -9.84
C GLY A 125 -16.33 -3.45 -9.00
N ARG A 126 -15.40 -2.52 -8.79
CA ARG A 126 -14.09 -2.81 -8.22
C ARG A 126 -13.83 -1.82 -7.09
N GLY A 127 -13.59 -2.33 -5.90
CA GLY A 127 -13.35 -1.51 -4.73
C GLY A 127 -12.09 -0.68 -4.83
N VAL A 128 -12.20 0.59 -4.49
CA VAL A 128 -11.10 1.55 -4.61
C VAL A 128 -11.09 2.41 -3.35
N PRO A 129 -9.94 2.61 -2.70
CA PRO A 129 -9.88 3.56 -1.58
C PRO A 129 -10.45 4.92 -1.97
N GLN A 130 -11.33 5.45 -1.11
CA GLN A 130 -12.05 6.69 -1.38
C GLN A 130 -11.74 7.79 -0.40
N SER A 131 -11.51 7.47 0.88
CA SER A 131 -11.55 8.46 1.96
C SER A 131 -10.52 9.56 1.79
N MET A 132 -9.43 9.32 1.07
CA MET A 132 -8.38 10.32 0.95
C MET A 132 -8.48 11.15 -0.32
N PHE A 133 -9.46 10.86 -1.18
CA PHE A 133 -9.60 11.51 -2.48
C PHE A 133 -10.83 12.40 -2.57
N LYS A 134 -11.32 12.91 -1.44
CA LYS A 134 -12.46 13.81 -1.49
C LYS A 134 -12.06 15.25 -1.77
N GLU A 135 -10.81 15.62 -1.50
CA GLU A 135 -10.32 16.96 -1.75
C GLU A 135 -9.00 16.90 -2.49
N THR A 136 -8.73 17.95 -3.25
CA THR A 136 -7.40 18.21 -3.79
C THR A 136 -6.62 19.03 -2.76
N ALA A 137 -5.44 18.56 -2.41
CA ALA A 137 -4.65 19.23 -1.38
C ALA A 137 -3.17 19.21 -1.76
N PRO A 138 -2.54 20.36 -1.95
CA PRO A 138 -1.12 20.35 -2.29
C PRO A 138 -0.21 19.86 -1.17
N GLU A 139 -0.68 19.83 0.08
CA GLU A 139 0.14 19.31 1.18
C GLU A 139 -0.74 18.52 2.13
N VAL A 140 -0.43 17.22 2.27
CA VAL A 140 -1.01 16.36 3.27
C VAL A 140 0.14 15.64 3.97
N THR A 141 -0.09 15.27 5.23
CA THR A 141 0.88 14.48 5.97
C THR A 141 0.28 13.10 6.28
N LEU A 142 1.10 12.25 6.89
CA LEU A 142 0.64 10.93 7.31
C LEU A 142 -0.30 10.98 8.51
N LEU A 143 -0.39 12.12 9.19
CA LEU A 143 -1.16 12.24 10.42
C LEU A 143 -2.37 13.17 10.31
N ASN A 144 -2.53 13.89 9.20
CA ASN A 144 -3.71 14.74 9.02
C ASN A 144 -4.58 14.29 7.87
N SER A 145 -4.26 13.18 7.23
CA SER A 145 -5.04 12.64 6.12
C SER A 145 -5.08 11.13 6.24
N ARG A 146 -5.73 10.48 5.28
CA ARG A 146 -5.86 9.04 5.25
C ARG A 146 -5.03 8.41 4.14
N ILE A 147 -3.88 9.00 3.82
CA ILE A 147 -3.03 8.45 2.76
C ILE A 147 -2.46 7.11 3.16
N ILE A 148 -2.31 6.86 4.47
CA ILE A 148 -1.83 5.56 4.90
C ILE A 148 -2.83 4.46 4.61
N TYR A 149 -4.06 4.81 4.26
CA TYR A 149 -5.07 3.83 3.90
C TYR A 149 -5.03 3.48 2.41
N THR A 150 -4.02 3.97 1.67
CA THR A 150 -3.81 3.58 0.28
C THR A 150 -2.31 3.50 0.04
N LEU A 151 -1.78 2.27 -0.04
CA LEU A 151 -0.36 2.05 -0.20
C LEU A 151 -0.02 1.38 -1.53
N SER A 152 -0.95 1.34 -2.46
CA SER A 152 -0.66 0.83 -3.79
C SER A 152 0.31 1.78 -4.49
N PRO A 153 1.12 1.27 -5.43
CA PRO A 153 2.06 2.14 -6.15
C PRO A 153 1.47 2.88 -7.34
N THR A 154 0.14 2.86 -7.48
CA THR A 154 -0.54 3.58 -8.55
C THR A 154 -0.56 5.09 -8.26
N LYS A 155 0.61 5.61 -7.89
CA LYS A 155 0.80 7.01 -7.52
C LYS A 155 2.00 7.55 -8.29
N ILE A 156 2.20 8.86 -8.20
CA ILE A 156 3.31 9.54 -8.87
C ILE A 156 4.38 9.83 -7.83
N TYR A 157 5.58 9.31 -8.07
CA TYR A 157 6.74 9.52 -7.21
C TYR A 157 7.82 10.25 -7.98
N ARG A 158 8.51 11.18 -7.31
CA ARG A 158 9.70 11.77 -7.91
C ARG A 158 10.79 10.70 -7.96
N THR A 159 11.41 10.56 -9.14
CA THR A 159 12.36 9.46 -9.35
C THR A 159 13.49 9.50 -8.33
N ALA A 160 14.07 10.69 -8.12
CA ALA A 160 15.18 10.81 -7.18
C ALA A 160 14.77 10.50 -5.75
N LEU A 161 13.52 10.79 -5.40
CA LEU A 161 13.02 10.39 -4.08
C LEU A 161 13.24 8.90 -3.85
N LEU A 162 12.87 8.07 -4.82
CA LEU A 162 13.06 6.63 -4.67
C LEU A 162 14.52 6.23 -4.81
N LYS A 163 15.25 6.87 -5.73
CA LYS A 163 16.62 6.45 -6.01
C LYS A 163 17.60 6.95 -4.96
N ASP A 164 17.46 8.19 -4.51
CA ASP A 164 18.40 8.73 -3.53
C ASP A 164 18.32 8.00 -2.20
N ASN A 165 17.14 7.51 -1.82
CA ASN A 165 16.94 6.83 -0.54
C ASN A 165 16.83 5.33 -0.68
N ASP A 166 17.11 4.79 -1.86
CA ASP A 166 17.14 3.35 -2.09
C ASP A 166 15.80 2.70 -1.77
N ILE A 167 14.72 3.28 -2.29
CA ILE A 167 13.39 2.73 -2.14
C ILE A 167 13.11 1.83 -3.34
N TYR A 168 12.97 0.54 -3.10
CA TYR A 168 12.68 -0.43 -4.15
C TYR A 168 11.67 -1.44 -3.63
N PHE A 169 10.95 -2.07 -4.56
CA PHE A 169 9.99 -3.09 -4.19
C PHE A 169 10.72 -4.33 -3.66
N PRO A 170 10.20 -4.96 -2.60
CA PRO A 170 10.69 -6.28 -2.23
C PRO A 170 10.50 -7.26 -3.39
N GLU A 171 11.55 -8.02 -3.67
CA GLU A 171 11.48 -9.07 -4.68
C GLU A 171 11.34 -10.46 -4.07
N GLU A 172 11.84 -10.65 -2.86
CA GLU A 172 11.81 -11.93 -2.17
C GLU A 172 10.46 -12.22 -1.53
N LEU A 173 9.75 -11.19 -1.08
CA LEU A 173 8.47 -11.32 -0.40
C LEU A 173 7.36 -10.86 -1.33
N LYS A 174 6.33 -11.68 -1.48
CA LYS A 174 5.36 -11.50 -2.57
C LYS A 174 3.92 -11.40 -2.08
N SER A 175 3.73 -10.93 -0.85
CA SER A 175 2.42 -10.52 -0.35
C SER A 175 2.53 -9.09 0.17
N ALA A 176 1.76 -8.18 -0.42
CA ALA A 176 1.68 -6.81 0.07
C ALA A 176 3.02 -6.09 0.05
N GLU A 177 3.90 -6.47 -0.88
CA GLU A 177 5.22 -5.84 -0.96
C GLU A 177 5.12 -4.35 -1.29
N ASP A 178 4.03 -3.93 -1.93
CA ASP A 178 3.88 -2.52 -2.31
C ASP A 178 3.64 -1.62 -1.10
N GLN A 179 3.21 -2.18 0.03
CA GLN A 179 2.98 -1.36 1.22
C GLN A 179 4.30 -0.83 1.77
N LEU A 180 5.32 -1.69 1.88
CA LEU A 180 6.65 -1.23 2.28
C LEU A 180 7.18 -0.18 1.30
N PHE A 181 6.89 -0.35 0.02
CA PHE A 181 7.37 0.59 -0.99
C PHE A 181 6.74 1.97 -0.80
N THR A 182 5.41 2.02 -0.70
CA THR A 182 4.75 3.32 -0.57
C THR A 182 4.96 3.94 0.81
N MET A 183 5.08 3.12 1.86
CA MET A 183 5.40 3.66 3.18
C MET A 183 6.76 4.36 3.16
N LYS A 184 7.77 3.71 2.58
CA LYS A 184 9.10 4.34 2.48
C LYS A 184 9.02 5.67 1.76
N ALA A 185 8.31 5.71 0.62
CA ALA A 185 8.16 6.96 -0.12
C ALA A 185 7.46 8.03 0.71
N TYR A 186 6.41 7.65 1.45
CA TYR A 186 5.74 8.60 2.33
C TYR A 186 6.72 9.18 3.33
N LEU A 187 7.37 8.32 4.12
CA LEU A 187 8.27 8.75 5.17
C LEU A 187 9.42 9.61 4.66
N ASN A 188 9.81 9.44 3.40
CA ASN A 188 10.94 10.18 2.86
C ASN A 188 10.55 11.44 2.08
N ALA A 189 9.30 11.53 1.64
CA ALA A 189 8.87 12.71 0.89
C ALA A 189 8.84 13.94 1.79
N ASN A 190 9.34 15.05 1.27
CA ASN A 190 9.20 16.33 1.95
C ASN A 190 7.84 16.97 1.70
N ARG A 191 7.18 16.63 0.60
CA ARG A 191 5.85 17.12 0.29
C ARG A 191 5.05 16.02 -0.37
N ILE A 192 3.89 15.69 0.21
CA ILE A 192 2.93 14.76 -0.37
C ILE A 192 1.70 15.55 -0.78
N SER A 193 1.19 15.27 -1.98
CA SER A 193 0.04 15.99 -2.49
C SER A 193 -1.04 15.00 -2.92
N VAL A 194 -2.28 15.48 -2.90
CA VAL A 194 -3.44 14.73 -3.37
C VAL A 194 -4.15 15.58 -4.41
N LEU A 195 -4.43 14.99 -5.58
CA LEU A 195 -5.10 15.68 -6.67
C LEU A 195 -6.34 14.89 -7.05
N SER A 196 -7.52 15.50 -6.87
CA SER A 196 -8.79 14.80 -7.04
C SER A 196 -9.77 15.55 -7.95
N ASP A 197 -9.28 16.49 -8.76
CA ASP A 197 -10.17 17.32 -9.57
C ASP A 197 -11.03 16.47 -10.52
N LYS A 198 -10.57 15.26 -10.84
CA LYS A 198 -11.34 14.27 -11.59
C LYS A 198 -10.75 12.91 -11.22
N ALA A 199 -11.24 11.86 -11.89
CA ALA A 199 -10.77 10.49 -11.66
C ALA A 199 -9.76 10.12 -12.73
N TYR A 200 -8.53 9.83 -12.31
CA TYR A 200 -7.40 9.64 -13.23
C TYR A 200 -7.02 8.18 -13.42
N TYR A 201 -6.83 7.43 -12.34
CA TYR A 201 -6.47 6.02 -12.44
C TYR A 201 -7.72 5.16 -12.33
N TYR A 202 -8.00 4.39 -13.37
CA TYR A 202 -9.15 3.48 -13.39
C TYR A 202 -8.70 2.07 -13.03
N ALA A 203 -9.40 1.46 -12.09
CA ALA A 203 -9.04 0.15 -11.55
C ALA A 203 -10.09 -0.87 -11.96
N THR A 204 -9.65 -1.95 -12.58
CA THR A 204 -10.56 -2.97 -13.10
C THR A 204 -10.67 -4.16 -12.16
N SER A 217 0.77 -18.56 2.83
CA SER A 217 1.28 -18.60 4.19
C SER A 217 1.47 -17.18 4.74
N PRO A 218 1.42 -17.02 6.07
CA PRO A 218 1.50 -15.69 6.66
C PRO A 218 2.90 -15.18 7.01
N GLU A 219 3.94 -16.00 6.87
CA GLU A 219 5.28 -15.59 7.28
C GLU A 219 5.84 -14.50 6.35
N ASP A 220 5.59 -14.63 5.04
CA ASP A 220 6.00 -13.57 4.11
C ASP A 220 5.21 -12.30 4.37
N PHE A 221 3.89 -12.43 4.55
CA PHE A 221 3.04 -11.25 4.72
C PHE A 221 3.45 -10.45 5.95
N TYR A 222 3.63 -11.12 7.09
CA TYR A 222 3.95 -10.41 8.32
C TYR A 222 5.43 -10.04 8.41
N GLU A 223 6.29 -10.68 7.63
CA GLU A 223 7.65 -10.17 7.49
C GLU A 223 7.65 -8.78 6.88
N VAL A 224 6.76 -8.52 5.92
CA VAL A 224 6.66 -7.19 5.34
C VAL A 224 6.11 -6.20 6.37
N MET A 225 5.11 -6.60 7.15
CA MET A 225 4.58 -5.72 8.19
C MET A 225 5.63 -5.40 9.23
N ARG A 226 6.45 -6.39 9.60
CA ARG A 226 7.53 -6.13 10.56
C ARG A 226 8.52 -5.14 9.99
N LEU A 227 8.85 -5.26 8.70
CA LEU A 227 9.75 -4.30 8.04
C LEU A 227 9.13 -2.91 7.96
N ILE A 228 7.81 -2.82 7.80
CA ILE A 228 7.15 -1.52 7.82
C ILE A 228 7.28 -0.88 9.21
N ALA A 229 7.01 -1.66 10.26
CA ALA A 229 7.19 -1.16 11.62
C ALA A 229 8.62 -0.73 11.87
N VAL A 230 9.60 -1.55 11.43
CA VAL A 230 11.01 -1.17 11.53
C VAL A 230 11.27 0.13 10.79
N GLU A 231 10.64 0.29 9.61
CA GLU A 231 10.93 1.45 8.78
C GLU A 231 10.37 2.73 9.39
N ILE A 232 9.16 2.66 9.94
CA ILE A 232 8.58 3.83 10.60
C ILE A 232 9.44 4.23 11.80
N LEU A 233 9.79 3.27 12.65
CA LEU A 233 10.46 3.59 13.90
C LEU A 233 11.90 4.07 13.70
N ASN A 234 12.47 3.90 12.53
CA ASN A 234 13.84 4.37 12.26
C ASN A 234 13.85 5.56 11.31
N ALA A 235 12.69 6.12 10.98
CA ALA A 235 12.65 7.27 10.09
C ALA A 235 13.27 8.49 10.76
N ASP A 236 13.64 9.48 9.95
CA ASP A 236 14.21 10.73 10.45
C ASP A 236 13.10 11.71 10.81
N LEU A 237 12.29 11.30 11.79
CA LEU A 237 11.18 12.10 12.29
C LEU A 237 11.23 12.10 13.81
N GLU A 238 10.47 13.02 14.40
CA GLU A 238 10.42 13.10 15.85
C GLU A 238 9.84 11.82 16.44
N GLU A 239 10.30 11.48 17.65
CA GLU A 239 9.95 10.20 18.24
C GLU A 239 8.44 10.07 18.45
N ALA A 240 7.79 11.13 18.96
CA ALA A 240 6.35 11.07 19.18
C ALA A 240 5.60 10.90 17.88
N HIS A 241 6.10 11.48 16.79
CA HIS A 241 5.40 11.37 15.51
C HIS A 241 5.56 9.96 14.93
N LYS A 242 6.74 9.37 15.06
CA LYS A 242 6.94 7.99 14.58
C LYS A 242 5.97 7.03 15.27
N ASP A 243 5.79 7.18 16.58
CA ASP A 243 4.85 6.32 17.31
C ASP A 243 3.43 6.49 16.78
N GLN A 244 3.04 7.72 16.44
CA GLN A 244 1.69 7.99 15.95
C GLN A 244 1.47 7.49 14.54
N ILE A 245 2.49 7.55 13.69
CA ILE A 245 2.37 6.98 12.36
C ILE A 245 2.18 5.47 12.44
N LEU A 246 3.00 4.80 13.26
CA LEU A 246 2.85 3.37 13.44
C LEU A 246 1.49 3.01 14.04
N ALA A 247 0.97 3.84 14.96
CA ALA A 247 -0.37 3.59 15.48
C ALA A 247 -1.42 3.66 14.38
N GLU A 248 -1.31 4.66 13.50
CA GLU A 248 -2.25 4.77 12.39
C GLU A 248 -2.11 3.61 11.41
N PHE A 249 -0.89 3.11 11.21
CA PHE A 249 -0.72 1.94 10.37
C PHE A 249 -1.36 0.71 11.00
N LEU A 250 -1.24 0.56 12.32
CA LEU A 250 -1.81 -0.61 12.98
C LEU A 250 -3.32 -0.55 13.02
N ASN A 251 -3.89 0.65 13.15
CA ASN A 251 -5.33 0.83 13.01
C ASN A 251 -5.80 0.32 11.65
N ARG A 252 -5.19 0.84 10.57
CA ARG A 252 -5.50 0.41 9.22
C ARG A 252 -5.28 -1.09 9.05
N HIS A 253 -4.14 -1.58 9.54
CA HIS A 253 -3.80 -2.98 9.32
C HIS A 253 -4.80 -3.91 9.99
N PHE A 254 -5.18 -3.61 11.24
CA PHE A 254 -6.08 -4.49 11.96
C PHE A 254 -7.52 -4.36 11.47
N SER A 255 -7.87 -3.25 10.82
CA SER A 255 -9.21 -3.07 10.29
C SER A 255 -9.40 -3.67 8.91
N PHE A 256 -8.38 -3.64 8.04
CA PHE A 256 -8.59 -3.99 6.64
C PHE A 256 -7.74 -5.14 6.13
N SER A 257 -6.63 -5.48 6.78
CA SER A 257 -5.80 -6.57 6.27
C SER A 257 -6.41 -7.91 6.64
N ARG A 258 -5.72 -8.99 6.23
CA ARG A 258 -6.13 -10.35 6.56
C ARG A 258 -6.02 -10.64 8.06
N THR A 259 -5.30 -9.81 8.81
CA THR A 259 -5.26 -9.97 10.26
C THR A 259 -6.66 -9.84 10.86
N ASN A 260 -7.51 -8.98 10.30
CA ASN A 260 -8.84 -8.77 10.85
C ASN A 260 -9.66 -10.06 10.83
N GLY A 261 -9.94 -10.60 12.01
CA GLY A 261 -10.78 -11.77 12.11
C GLY A 261 -10.12 -13.08 11.76
N PHE A 262 -8.79 -13.15 11.75
CA PHE A 262 -8.13 -14.36 11.27
C PHE A 262 -8.39 -15.54 12.20
N SER A 263 -8.54 -15.30 13.51
CA SER A 263 -8.82 -16.40 14.41
C SER A 263 -10.24 -16.93 14.28
N LEU A 264 -11.11 -16.26 13.51
CA LEU A 264 -12.45 -16.74 13.22
C LEU A 264 -12.57 -17.44 11.88
N LYS A 265 -11.67 -17.14 10.94
CA LYS A 265 -11.71 -17.73 9.61
C LYS A 265 -10.65 -18.81 9.42
N VAL A 266 -9.42 -18.55 9.84
CA VAL A 266 -8.36 -19.52 9.63
C VAL A 266 -8.68 -20.80 10.40
N LYS A 267 -8.43 -21.92 9.74
CA LYS A 267 -8.59 -23.23 10.34
C LYS A 267 -7.76 -23.33 11.62
N LEU A 268 -8.36 -23.92 12.65
CA LEU A 268 -7.74 -23.94 13.99
C LEU A 268 -6.28 -24.40 13.94
N GLU A 269 -6.00 -25.46 13.18
CA GLU A 269 -4.66 -26.04 13.21
C GLU A 269 -3.62 -25.20 12.49
N GLU A 270 -4.03 -24.25 11.67
CA GLU A 270 -3.07 -23.33 11.07
C GLU A 270 -2.89 -22.07 11.89
N GLN A 271 -3.71 -21.87 12.91
CA GLN A 271 -3.69 -20.61 13.66
C GLN A 271 -2.42 -20.42 14.48
N PRO A 272 -1.79 -21.46 15.05
CA PRO A 272 -0.47 -21.24 15.67
C PRO A 272 0.57 -20.67 14.71
N GLN A 273 0.47 -20.97 13.41
CA GLN A 273 1.37 -20.38 12.44
C GLN A 273 1.12 -18.88 12.29
N TRP A 274 -0.15 -18.49 12.34
CA TRP A 274 -0.52 -17.08 12.20
C TRP A 274 -0.12 -16.28 13.43
N ILE A 275 -0.38 -16.81 14.63
CA ILE A 275 -0.06 -16.04 15.83
C ILE A 275 1.45 -15.89 15.98
N ASN A 276 2.22 -16.89 15.53
CA ASN A 276 3.68 -16.78 15.61
C ASN A 276 4.21 -15.71 14.65
N ALA A 277 3.70 -15.68 13.41
CA ALA A 277 4.14 -14.67 12.46
C ALA A 277 3.62 -13.29 12.82
N LEU A 278 2.34 -13.19 13.22
CA LEU A 278 1.80 -11.91 13.67
C LEU A 278 2.55 -11.40 14.90
N GLY A 279 2.98 -12.30 15.78
CA GLY A 279 3.68 -11.87 16.98
C GLY A 279 5.05 -11.27 16.70
N ASP A 280 5.78 -11.83 15.72
CA ASP A 280 7.08 -11.25 15.36
C ASP A 280 6.92 -9.85 14.79
N PHE A 281 5.82 -9.61 14.06
CA PHE A 281 5.50 -8.26 13.60
C PHE A 281 5.18 -7.36 14.79
N ILE A 282 4.27 -7.79 15.67
CA ILE A 282 3.86 -6.96 16.79
C ILE A 282 4.96 -6.80 17.83
N GLN A 283 5.89 -7.75 17.91
CA GLN A 283 6.99 -7.58 18.84
C GLN A 283 7.97 -6.50 18.41
N ALA A 284 7.92 -6.07 17.15
CA ALA A 284 8.67 -4.90 16.72
C ALA A 284 8.00 -3.59 17.08
N VAL A 285 6.74 -3.63 17.53
CA VAL A 285 6.00 -2.45 17.93
C VAL A 285 6.17 -2.28 19.47
N PRO A 286 6.82 -1.22 19.91
CA PRO A 286 6.89 -0.99 21.37
C PRO A 286 5.51 -0.93 22.01
N GLU A 287 5.39 -1.52 23.21
CA GLU A 287 4.11 -1.57 23.91
C GLU A 287 3.52 -0.18 24.13
N ARG A 288 4.36 0.85 24.22
CA ARG A 288 3.88 2.21 24.43
C ARG A 288 2.96 2.66 23.31
N VAL A 289 3.08 2.07 22.12
CA VAL A 289 2.27 2.48 20.98
C VAL A 289 0.84 1.96 21.09
N ASP A 290 0.63 0.87 21.83
CA ASP A 290 -0.72 0.34 22.04
C ASP A 290 -1.65 1.42 22.58
N ALA A 291 -1.14 2.37 23.36
CA ALA A 291 -2.00 3.40 23.93
C ALA A 291 -2.48 4.39 22.88
N LEU A 292 -1.79 4.48 21.76
CA LEU A 292 -2.17 5.38 20.67
C LEU A 292 -3.16 4.76 19.70
N VAL A 293 -3.33 3.44 19.76
CA VAL A 293 -4.17 2.73 18.81
C VAL A 293 -5.62 2.80 19.27
N MET A 294 -6.56 2.58 18.32
CA MET A 294 -7.96 2.38 18.68
C MET A 294 -8.07 1.41 19.84
N SER A 295 -8.87 1.79 20.85
CA SER A 295 -8.88 1.04 22.09
C SER A 295 -9.29 -0.42 21.90
N LYS A 296 -10.12 -0.71 20.89
CA LYS A 296 -10.56 -2.09 20.68
C LYS A 296 -9.42 -3.01 20.26
N LEU A 297 -8.33 -2.47 19.70
CA LEU A 297 -7.23 -3.29 19.23
C LEU A 297 -6.18 -3.55 20.30
N ARG A 298 -6.21 -2.81 21.42
CA ARG A 298 -5.24 -3.04 22.48
C ARG A 298 -5.22 -4.47 23.01
N PRO A 299 -6.36 -5.15 23.24
CA PRO A 299 -6.28 -6.56 23.64
C PRO A 299 -5.64 -7.43 22.58
N LEU A 300 -5.86 -7.11 21.31
CA LEU A 300 -5.32 -7.93 20.23
C LEU A 300 -3.81 -7.77 20.15
N LEU A 301 -3.32 -6.52 20.21
CA LEU A 301 -1.88 -6.29 20.30
C LEU A 301 -1.28 -7.02 21.48
N HIS A 302 -1.98 -7.01 22.61
CA HIS A 302 -1.46 -7.63 23.83
C HIS A 302 -1.20 -9.12 23.65
N TYR A 303 -2.22 -9.86 23.18
CA TYR A 303 -2.06 -11.31 23.05
C TYR A 303 -1.28 -11.71 21.81
N ALA A 304 -1.28 -10.89 20.77
CA ALA A 304 -0.38 -11.12 19.65
C ALA A 304 1.07 -11.01 20.11
N ARG A 305 1.38 -9.99 20.91
CA ARG A 305 2.75 -9.82 21.39
C ARG A 305 3.17 -10.97 22.30
N ALA A 306 2.23 -11.54 23.05
CA ALA A 306 2.49 -12.71 23.87
C ALA A 306 2.38 -14.02 23.09
N LYS A 307 1.94 -13.96 21.82
CA LYS A 307 1.77 -15.16 20.98
C LYS A 307 0.85 -16.17 21.66
N ASP A 308 -0.30 -15.69 22.08
CA ASP A 308 -1.30 -16.46 22.83
C ASP A 308 -2.57 -16.53 21.97
N ILE A 309 -2.70 -17.60 21.18
CA ILE A 309 -3.81 -17.68 20.24
C ILE A 309 -5.13 -17.89 20.96
N ASP A 310 -5.11 -18.66 22.06
CA ASP A 310 -6.34 -18.94 22.79
C ASP A 310 -7.02 -17.65 23.26
N ASN A 311 -6.27 -16.79 23.92
CA ASN A 311 -6.84 -15.51 24.37
C ASN A 311 -7.10 -14.58 23.20
N TYR A 312 -6.24 -14.60 22.17
CA TYR A 312 -6.48 -13.80 20.98
C TYR A 312 -7.81 -14.17 20.34
N ARG A 313 -8.05 -15.47 20.18
CA ARG A 313 -9.28 -15.94 19.54
C ARG A 313 -10.51 -15.62 20.41
N THR A 314 -10.35 -15.73 21.73
CA THR A 314 -11.43 -15.38 22.65
C THR A 314 -11.84 -13.93 22.49
N VAL A 315 -10.87 -13.01 22.38
CA VAL A 315 -11.20 -11.61 22.13
C VAL A 315 -12.00 -11.47 20.85
N GLU A 316 -11.52 -12.06 19.76
CA GLU A 316 -12.19 -11.89 18.48
C GLU A 316 -13.57 -12.53 18.49
N GLU A 317 -13.69 -13.74 19.06
CA GLU A 317 -15.01 -14.36 19.23
C GLU A 317 -15.91 -13.51 20.12
N SER A 318 -15.35 -12.96 21.21
CA SER A 318 -16.14 -12.11 22.10
C SER A 318 -16.68 -10.89 21.36
N TYR A 319 -15.81 -10.19 20.62
CA TYR A 319 -16.26 -9.09 19.78
C TYR A 319 -17.37 -9.53 18.83
N ARG A 320 -17.18 -10.67 18.18
CA ARG A 320 -18.11 -11.08 17.13
C ARG A 320 -19.48 -11.45 17.70
N GLN A 321 -19.52 -12.15 18.83
CA GLN A 321 -20.78 -12.51 19.46
C GLN A 321 -21.32 -11.46 20.41
N GLY A 322 -20.53 -10.45 20.78
CA GLY A 322 -20.95 -9.54 21.81
C GLY A 322 -21.09 -10.19 23.17
N GLN A 323 -20.37 -11.28 23.40
CA GLN A 323 -20.39 -12.00 24.68
C GLN A 323 -19.04 -11.79 25.35
N TYR A 324 -19.06 -11.28 26.58
CA TYR A 324 -17.83 -11.03 27.30
C TYR A 324 -17.89 -11.67 28.68
N TYR A 325 -16.73 -12.11 29.16
CA TYR A 325 -16.64 -12.70 30.49
C TYR A 325 -17.14 -11.72 31.55
N ARG A 326 -16.50 -10.57 31.65
CA ARG A 326 -16.98 -9.46 32.46
C ARG A 326 -16.74 -8.17 31.70
N PHE A 327 -17.64 -7.21 31.91
CA PHE A 327 -17.39 -5.87 31.40
C PHE A 327 -18.10 -4.85 32.28
N ASP A 328 -17.57 -3.63 32.24
CA ASP A 328 -18.22 -2.47 32.80
C ASP A 328 -18.57 -1.51 31.67
N ILE A 329 -19.58 -0.68 31.91
CA ILE A 329 -19.93 0.40 31.00
C ILE A 329 -19.59 1.71 31.70
N VAL A 330 -18.54 2.38 31.22
CA VAL A 330 -18.06 3.63 31.79
C VAL A 330 -17.93 4.65 30.66
N ASP A 331 -18.55 5.81 30.84
CA ASP A 331 -18.54 6.87 29.84
C ASP A 331 -18.99 6.34 28.48
N GLY A 332 -20.06 5.55 28.49
CA GLY A 332 -20.63 5.01 27.27
C GLY A 332 -19.75 4.02 26.53
N LYS A 333 -18.68 3.55 27.14
CA LYS A 333 -17.76 2.60 26.52
C LYS A 333 -17.63 1.37 27.40
N LEU A 334 -16.99 0.34 26.86
CA LEU A 334 -16.82 -0.93 27.52
C LEU A 334 -15.43 -1.05 28.13
N ASN A 335 -15.35 -1.42 29.41
CA ASN A 335 -14.11 -1.90 30.00
C ASN A 335 -14.28 -3.42 30.14
N ILE A 336 -13.51 -4.18 29.36
CA ILE A 336 -13.79 -5.61 29.16
C ILE A 336 -12.67 -6.46 29.76
N GLN A 337 -13.06 -7.51 30.47
CA GLN A 337 -12.17 -8.61 30.81
C GLN A 337 -12.64 -9.83 30.02
N PHE A 338 -11.76 -10.34 29.14
CA PHE A 338 -12.16 -11.39 28.21
C PHE A 338 -12.07 -12.79 28.80
N ASN A 339 -11.21 -13.01 29.78
CA ASN A 339 -11.07 -14.32 30.41
C ASN A 339 -10.71 -14.13 31.88
N GLU A 340 -11.05 -15.15 32.67
CA GLU A 340 -10.73 -15.15 34.10
C GLU A 340 -9.24 -14.92 34.31
N GLY A 341 -8.93 -14.06 35.28
CA GLY A 341 -7.55 -13.79 35.63
C GLY A 341 -6.78 -12.94 34.65
N GLU A 342 -7.39 -12.55 33.53
CA GLU A 342 -6.78 -11.67 32.54
C GLU A 342 -7.09 -10.22 32.87
N PRO A 343 -6.28 -9.29 32.37
CA PRO A 343 -6.51 -7.87 32.68
C PRO A 343 -7.78 -7.32 32.02
N TYR A 344 -8.24 -6.21 32.57
CA TYR A 344 -9.31 -5.43 31.95
C TYR A 344 -8.73 -4.51 30.90
N PHE A 345 -9.43 -4.41 29.77
CA PHE A 345 -9.09 -3.48 28.70
C PHE A 345 -10.20 -2.44 28.60
N GLU A 346 -9.82 -1.17 28.62
CA GLU A 346 -10.75 -0.08 28.88
C GLU A 346 -11.02 0.76 27.65
N GLY A 347 -12.18 1.42 27.66
CA GLY A 347 -12.50 2.41 26.64
C GLY A 347 -12.84 1.84 25.29
N ILE A 348 -13.21 0.56 25.22
CA ILE A 348 -13.46 -0.08 23.94
C ILE A 348 -14.77 0.43 23.37
N ASP A 349 -14.71 0.89 22.12
CA ASP A 349 -15.86 1.46 21.41
C ASP A 349 -15.57 1.40 19.91
#